data_9GU4
#
_entry.id   9GU4
#
_cell.length_a   97.029
_cell.length_b   97.029
_cell.length_c   265.041
_cell.angle_alpha   90.00
_cell.angle_beta   90.00
_cell.angle_gamma   120.00
#
_symmetry.space_group_name_H-M   'P 61 2 2'
#
loop_
_entity.id
_entity.type
_entity.pdbx_description
1 polymer 'NACHT, LRR and PYD domains-containing protein 3'
2 non-polymer 2-[6-[[(3R)-1-ethylpiperidin-3-yl]amino]pyridazin-3-yl]-3-methyl-5-(trifluoromethyl)phenol
3 non-polymer "ADENOSINE-5'-DIPHOSPHATE"
4 water water
#
_entity_poly.entity_id   1
_entity_poly.type   'polypeptide(L)'
_entity_poly.pdbx_seq_one_letter_code
;GKMKKDYRKKYRKYVRSRFQCIEDRNARLGESVSLNKRYTRLRLIKEHRSQQEREQELLAIGKTKTCESPVSPIKMELLF
DPDDEHSEPVHTVVFQGAAGIGKTILARKMMLDWASGTLYQDRFDYLFYIHCREVSLVTQRSLGDLIMSCCPDPNPPIHK
IVRKPSRILFLMDGFDELQGAFDEHIGPLCTDWQKAERGDILLSSLIRKKLLPEASLLITTRPVALEKLQHLLDHPRHVE
ILGFSEAKRKEYFFKYFSDEAQARAAFSLIQENEVLFTMCFIPLVCWIVCTGLKQQMESGKSLAQTSKTTTAVYVFFLSS
LLQPRGGSQEHGLCAHLWGLCSLAADGIWNQKILFEESDLRNHGLQKADVSAFLRMNLFQKEVDCEKFYSFIHMTFQEFF
AAMYYLLEEEKEGRTNVPGSRLKLPSRDVTVLLENYGKFEKGYLIFVVRFLFGLVNQERTSYLEKKLSCKISQQIRLELL
KWIEVKAKAKKLQIQPSQLELFYCLYEMQEEDFVQRAMDYFPKIEINLSTRMDHMVSSFCIENCHRVESL
;
_entity_poly.pdbx_strand_id   A
#
loop_
_chem_comp.id
_chem_comp.type
_chem_comp.name
_chem_comp.formula
A1IPJ non-polymer 2-[6-[[(3R)-1-ethylpiperidin-3-yl]amino]pyridazin-3-yl]-3-methyl-5-(trifluoromethyl)phenol 'C19 H23 F3 N4 O'
ADP non-polymer ADENOSINE-5'-DIPHOSPHATE 'C10 H15 N5 O10 P2'
#
# COMPACT_ATOMS: atom_id res chain seq x y z
N LYS A 5 -8.12 -22.93 -26.16
CA LYS A 5 -7.39 -24.20 -26.17
C LYS A 5 -5.91 -23.98 -26.55
N ASP A 6 -5.63 -23.67 -27.84
CA ASP A 6 -4.28 -23.32 -28.30
C ASP A 6 -3.88 -21.93 -27.80
N TYR A 7 -4.89 -21.03 -27.59
CA TYR A 7 -4.72 -19.66 -27.09
C TYR A 7 -4.21 -19.63 -25.67
N ARG A 8 -4.50 -20.65 -24.86
CA ARG A 8 -4.00 -20.75 -23.50
C ARG A 8 -2.46 -20.74 -23.48
N LYS A 9 -1.83 -21.38 -24.49
CA LYS A 9 -0.39 -21.43 -24.65
C LYS A 9 0.16 -20.03 -24.97
N LYS A 10 -0.49 -19.32 -25.91
CA LYS A 10 -0.12 -17.97 -26.30
C LYS A 10 -0.26 -17.01 -25.12
N TYR A 11 -1.34 -17.18 -24.32
CA TYR A 11 -1.60 -16.35 -23.16
C TYR A 11 -0.61 -16.58 -22.02
N ARG A 12 -0.36 -17.85 -21.64
CA ARG A 12 0.63 -18.16 -20.60
C ARG A 12 2.02 -17.65 -20.99
N LYS A 13 2.33 -17.60 -22.30
CA LYS A 13 3.62 -17.09 -22.75
C LYS A 13 3.69 -15.59 -22.43
N TYR A 14 2.66 -14.83 -22.80
CA TYR A 14 2.58 -13.39 -22.54
C TYR A 14 2.69 -13.10 -21.06
N VAL A 15 1.97 -13.87 -20.22
CA VAL A 15 2.00 -13.69 -18.77
C VAL A 15 3.40 -13.91 -18.22
N ARG A 16 4.07 -15.01 -18.64
CA ARG A 16 5.44 -15.32 -18.21
C ARG A 16 6.45 -14.20 -18.48
N SER A 17 6.28 -13.46 -19.59
CA SER A 17 7.22 -12.37 -19.91
C SER A 17 6.90 -11.10 -19.12
N ARG A 18 5.61 -10.73 -19.05
CA ARG A 18 5.16 -9.53 -18.35
C ARG A 18 5.42 -9.59 -16.84
N PHE A 19 5.26 -10.78 -16.24
CA PHE A 19 5.42 -10.93 -14.81
C PHE A 19 6.77 -11.49 -14.41
N GLN A 20 7.85 -10.86 -14.89
CA GLN A 20 9.20 -11.26 -14.49
C GLN A 20 9.87 -10.26 -13.51
N CYS A 21 9.09 -9.27 -12.99
CA CYS A 21 9.49 -8.21 -12.04
C CYS A 21 10.93 -7.71 -12.26
N ILE A 22 11.18 -7.10 -13.44
CA ILE A 22 12.50 -6.56 -13.81
C ILE A 22 12.75 -5.12 -13.34
N GLU A 23 11.91 -4.60 -12.41
CA GLU A 23 12.04 -3.23 -11.91
C GLU A 23 13.29 -3.06 -11.03
N SER A 34 15.47 -10.17 -10.90
CA SER A 34 14.37 -11.07 -11.26
C SER A 34 13.39 -11.30 -10.10
N LEU A 35 12.15 -11.75 -10.42
CA LEU A 35 11.12 -12.01 -9.42
C LEU A 35 11.45 -13.23 -8.57
N ASN A 36 11.98 -14.30 -9.20
CA ASN A 36 12.37 -15.49 -8.44
C ASN A 36 13.64 -15.21 -7.59
N LYS A 37 14.53 -14.33 -8.08
CA LYS A 37 15.77 -14.00 -7.38
C LYS A 37 15.59 -13.30 -6.04
N ARG A 38 14.71 -12.29 -5.97
CA ARG A 38 14.54 -11.55 -4.72
C ARG A 38 13.23 -11.83 -3.98
N TYR A 39 12.29 -12.58 -4.59
CA TYR A 39 11.04 -12.91 -3.90
C TYR A 39 11.31 -13.74 -2.65
N THR A 40 10.98 -13.19 -1.48
CA THR A 40 11.15 -13.88 -0.21
C THR A 40 9.77 -14.30 0.30
N ARG A 41 9.65 -15.52 0.83
CA ARG A 41 8.39 -16.06 1.31
C ARG A 41 7.64 -15.13 2.26
N LEU A 42 6.36 -14.91 1.98
CA LEU A 42 5.48 -14.09 2.79
C LEU A 42 4.69 -14.99 3.71
N ARG A 43 4.49 -14.58 4.96
CA ARG A 43 3.75 -15.36 5.93
C ARG A 43 2.28 -15.10 5.69
N LEU A 44 1.51 -16.14 5.32
CA LEU A 44 0.08 -15.99 5.08
C LEU A 44 -0.64 -16.89 6.05
N ILE A 45 -1.64 -16.36 6.77
CA ILE A 45 -2.42 -17.17 7.70
C ILE A 45 -3.92 -17.00 7.45
N LYS A 46 -4.69 -18.09 7.56
CA LYS A 46 -6.13 -18.03 7.33
C LYS A 46 -6.85 -17.50 8.56
N GLU A 47 -8.03 -16.89 8.36
CA GLU A 47 -8.84 -16.34 9.45
C GLU A 47 -10.16 -17.13 9.61
N PRO A 73 -1.33 -20.87 8.91
CA PRO A 73 -0.52 -20.99 7.68
C PRO A 73 -1.30 -21.59 6.51
N ILE A 74 -1.12 -21.07 5.28
CA ILE A 74 -1.84 -21.62 4.14
C ILE A 74 -0.91 -21.98 2.97
N LYS A 75 -1.21 -23.10 2.29
CA LYS A 75 -0.48 -23.55 1.10
C LYS A 75 -1.20 -22.93 -0.09
N MET A 76 -0.48 -22.15 -0.89
CA MET A 76 -1.03 -21.44 -2.03
C MET A 76 -1.96 -22.23 -2.94
N GLU A 77 -1.61 -23.47 -3.25
CA GLU A 77 -2.44 -24.29 -4.13
C GLU A 77 -3.80 -24.63 -3.49
N LEU A 78 -3.81 -24.81 -2.18
CA LEU A 78 -5.00 -25.18 -1.42
C LEU A 78 -5.95 -24.04 -1.09
N LEU A 79 -5.65 -22.81 -1.55
CA LEU A 79 -6.48 -21.61 -1.29
C LEU A 79 -7.93 -21.78 -1.71
N PHE A 80 -8.17 -22.47 -2.82
CA PHE A 80 -9.52 -22.63 -3.33
C PHE A 80 -10.20 -23.96 -2.97
N ASP A 81 -9.47 -24.85 -2.26
CA ASP A 81 -10.00 -26.15 -1.86
C ASP A 81 -10.95 -26.01 -0.69
N PRO A 82 -12.18 -26.55 -0.77
CA PRO A 82 -13.10 -26.45 0.38
C PRO A 82 -12.57 -27.23 1.57
N ASP A 83 -12.72 -26.67 2.78
CA ASP A 83 -12.26 -27.29 4.02
C ASP A 83 -12.93 -28.67 4.28
N ASP A 84 -12.48 -29.40 5.33
CA ASP A 84 -13.00 -30.72 5.70
C ASP A 84 -14.54 -30.74 5.77
N GLU A 85 -15.14 -29.63 6.27
CA GLU A 85 -16.58 -29.46 6.44
C GLU A 85 -17.42 -29.39 5.13
N HIS A 86 -17.10 -28.45 4.19
CA HIS A 86 -17.89 -28.27 2.96
C HIS A 86 -17.33 -28.98 1.69
N SER A 87 -18.16 -29.13 0.64
CA SER A 87 -17.74 -29.81 -0.60
C SER A 87 -17.65 -28.88 -1.84
N GLU A 88 -18.37 -27.76 -1.85
CA GLU A 88 -18.33 -26.82 -2.99
C GLU A 88 -17.05 -25.97 -2.92
N PRO A 89 -16.22 -25.94 -4.00
CA PRO A 89 -14.98 -25.15 -3.94
C PRO A 89 -15.18 -23.67 -3.68
N VAL A 90 -14.20 -23.05 -3.03
CA VAL A 90 -14.25 -21.64 -2.68
C VAL A 90 -14.01 -20.78 -3.91
N HIS A 91 -14.89 -19.80 -4.17
CA HIS A 91 -14.72 -18.92 -5.31
C HIS A 91 -14.12 -17.57 -4.97
N THR A 92 -14.36 -17.01 -3.77
CA THR A 92 -13.76 -15.71 -3.42
C THR A 92 -12.74 -15.87 -2.33
N VAL A 93 -11.53 -15.37 -2.55
CA VAL A 93 -10.44 -15.41 -1.57
C VAL A 93 -9.94 -13.98 -1.44
N VAL A 94 -9.92 -13.42 -0.22
CA VAL A 94 -9.49 -12.05 0.02
C VAL A 94 -8.17 -12.01 0.80
N PHE A 95 -7.15 -11.33 0.27
CA PHE A 95 -5.88 -11.17 0.95
C PHE A 95 -5.83 -9.78 1.55
N GLN A 96 -5.73 -9.66 2.87
CA GLN A 96 -5.62 -8.35 3.49
C GLN A 96 -4.21 -8.15 3.98
N GLY A 97 -3.68 -6.97 3.78
CA GLY A 97 -2.32 -6.66 4.18
C GLY A 97 -2.07 -5.20 4.35
N ALA A 98 -1.18 -4.85 5.29
CA ALA A 98 -0.81 -3.46 5.53
C ALA A 98 -0.04 -2.88 4.32
N ALA A 99 0.09 -1.54 4.23
CA ALA A 99 0.80 -0.94 3.11
C ALA A 99 2.26 -1.41 3.08
N GLY A 100 2.74 -1.80 1.90
CA GLY A 100 4.09 -2.30 1.77
C GLY A 100 4.31 -3.74 2.18
N ILE A 101 3.25 -4.44 2.60
CA ILE A 101 3.36 -5.84 3.02
C ILE A 101 3.68 -6.80 1.87
N GLY A 102 3.40 -6.40 0.62
CA GLY A 102 3.69 -7.23 -0.54
C GLY A 102 2.49 -7.86 -1.19
N LYS A 103 1.37 -7.13 -1.25
CA LYS A 103 0.17 -7.64 -1.90
C LYS A 103 0.41 -7.74 -3.41
N THR A 104 1.08 -6.74 -4.00
CA THR A 104 1.39 -6.72 -5.43
C THR A 104 2.46 -7.76 -5.77
N ILE A 105 3.47 -7.91 -4.90
CA ILE A 105 4.52 -8.90 -5.16
C ILE A 105 3.94 -10.31 -5.07
N LEU A 106 2.97 -10.53 -4.16
CA LEU A 106 2.32 -11.83 -4.05
C LEU A 106 1.45 -12.11 -5.27
N ALA A 107 0.65 -11.12 -5.72
CA ALA A 107 -0.21 -11.26 -6.89
C ALA A 107 0.59 -11.48 -8.17
N ARG A 108 1.73 -10.80 -8.30
CA ARG A 108 2.59 -10.97 -9.48
C ARG A 108 3.32 -12.31 -9.44
N LYS A 109 3.74 -12.74 -8.25
CA LYS A 109 4.37 -14.05 -8.10
C LYS A 109 3.34 -15.15 -8.40
N MET A 110 2.04 -14.91 -8.14
CA MET A 110 1.00 -15.89 -8.47
C MET A 110 0.80 -15.97 -9.96
N MET A 111 0.78 -14.82 -10.65
CA MET A 111 0.64 -14.75 -12.11
C MET A 111 1.79 -15.53 -12.76
N LEU A 112 3.02 -15.25 -12.28
CA LEU A 112 4.21 -15.91 -12.80
C LEU A 112 4.18 -17.40 -12.53
N ASP A 113 3.98 -17.83 -11.27
CA ASP A 113 3.92 -19.25 -10.91
C ASP A 113 2.90 -20.04 -11.76
N TRP A 114 1.69 -19.49 -11.92
CA TRP A 114 0.65 -20.14 -12.70
C TRP A 114 1.05 -20.27 -14.18
N ALA A 115 1.51 -19.17 -14.79
CA ALA A 115 1.93 -19.19 -16.17
C ALA A 115 3.09 -20.14 -16.44
N SER A 116 3.83 -20.55 -15.39
CA SER A 116 4.93 -21.50 -15.51
C SER A 116 4.49 -22.96 -15.24
N GLY A 117 3.20 -23.20 -14.96
CA GLY A 117 2.66 -24.52 -14.69
C GLY A 117 2.93 -25.05 -13.29
N THR A 118 3.31 -24.17 -12.35
CA THR A 118 3.65 -24.51 -10.96
C THR A 118 2.55 -24.12 -9.94
N LEU A 119 1.42 -23.55 -10.40
CA LEU A 119 0.36 -23.15 -9.50
C LEU A 119 -0.96 -23.10 -10.26
N TYR A 120 -1.96 -23.88 -9.80
CA TYR A 120 -3.30 -24.00 -10.38
C TYR A 120 -3.28 -24.55 -11.81
N GLN A 121 -2.30 -25.40 -12.13
CA GLN A 121 -2.18 -25.98 -13.47
C GLN A 121 -3.45 -26.73 -13.89
N ASP A 122 -3.93 -27.61 -13.02
CA ASP A 122 -5.16 -28.37 -13.30
C ASP A 122 -6.46 -27.62 -12.88
N ARG A 123 -6.34 -26.46 -12.21
CA ARG A 123 -7.49 -25.69 -11.76
C ARG A 123 -7.92 -24.55 -12.67
N PHE A 124 -6.98 -23.70 -13.13
CA PHE A 124 -7.36 -22.56 -13.95
C PHE A 124 -6.75 -22.55 -15.34
N ASP A 125 -7.59 -22.31 -16.33
CA ASP A 125 -7.18 -22.16 -17.72
C ASP A 125 -6.65 -20.75 -17.95
N TYR A 126 -7.21 -19.74 -17.25
CA TYR A 126 -6.81 -18.35 -17.36
C TYR A 126 -6.75 -17.68 -16.01
N LEU A 127 -5.77 -16.79 -15.86
CA LEU A 127 -5.66 -15.95 -14.69
C LEU A 127 -5.58 -14.54 -15.28
N PHE A 128 -6.54 -13.67 -14.95
CA PHE A 128 -6.54 -12.31 -15.45
C PHE A 128 -6.13 -11.38 -14.34
N TYR A 129 -5.16 -10.50 -14.61
CA TYR A 129 -4.67 -9.59 -13.60
C TYR A 129 -5.28 -8.20 -13.73
N ILE A 130 -6.22 -7.90 -12.83
CA ILE A 130 -6.87 -6.58 -12.74
C ILE A 130 -6.08 -5.73 -11.77
N HIS A 131 -5.31 -4.77 -12.30
CA HIS A 131 -4.53 -3.87 -11.47
C HIS A 131 -5.46 -2.72 -11.18
N CYS A 132 -6.02 -2.67 -9.97
CA CYS A 132 -7.06 -1.73 -9.55
C CYS A 132 -6.73 -0.24 -9.71
N ARG A 133 -5.46 0.20 -9.59
CA ARG A 133 -5.17 1.63 -9.72
C ARG A 133 -5.39 2.14 -11.15
N GLU A 134 -5.22 1.27 -12.16
CA GLU A 134 -5.43 1.62 -13.56
C GLU A 134 -6.92 1.56 -13.97
N VAL A 135 -7.78 0.97 -13.13
CA VAL A 135 -9.22 0.79 -13.37
C VAL A 135 -10.02 2.06 -13.10
N SER A 136 -10.86 2.47 -14.07
CA SER A 136 -11.71 3.65 -13.93
C SER A 136 -13.09 3.23 -13.47
N LEU A 137 -13.60 3.83 -12.39
CA LEU A 137 -14.92 3.50 -11.89
C LEU A 137 -16.05 4.30 -12.56
N VAL A 138 -15.75 5.06 -13.64
CA VAL A 138 -16.76 5.84 -14.35
C VAL A 138 -16.83 5.48 -15.82
N THR A 139 -15.71 5.04 -16.41
CA THR A 139 -15.65 4.67 -17.81
C THR A 139 -16.49 3.41 -18.03
N GLN A 140 -17.35 3.43 -19.06
CA GLN A 140 -18.20 2.28 -19.39
C GLN A 140 -17.45 1.25 -20.23
N ARG A 141 -17.37 0.03 -19.70
CA ARG A 141 -16.71 -1.12 -20.29
C ARG A 141 -17.45 -2.39 -19.87
N SER A 142 -17.44 -3.41 -20.71
CA SER A 142 -18.08 -4.69 -20.39
C SER A 142 -17.04 -5.63 -19.72
N LEU A 143 -17.45 -6.82 -19.22
CA LEU A 143 -16.48 -7.77 -18.67
C LEU A 143 -15.58 -8.30 -19.80
N GLY A 144 -16.13 -8.46 -21.02
CA GLY A 144 -15.37 -8.88 -22.17
C GLY A 144 -14.26 -7.90 -22.51
N ASP A 145 -14.57 -6.59 -22.48
CA ASP A 145 -13.62 -5.52 -22.76
C ASP A 145 -12.46 -5.54 -21.77
N LEU A 146 -12.79 -5.76 -20.49
CA LEU A 146 -11.85 -5.82 -19.39
C LEU A 146 -10.96 -7.06 -19.54
N ILE A 147 -11.54 -8.22 -19.88
CA ILE A 147 -10.79 -9.46 -20.07
C ILE A 147 -9.82 -9.34 -21.24
N MET A 148 -10.28 -8.72 -22.33
CA MET A 148 -9.46 -8.51 -23.53
C MET A 148 -8.27 -7.59 -23.28
N SER A 149 -8.41 -6.62 -22.35
CA SER A 149 -7.35 -5.68 -21.97
C SER A 149 -6.13 -6.43 -21.42
N CYS A 150 -6.38 -7.54 -20.72
CA CYS A 150 -5.36 -8.39 -20.10
C CYS A 150 -4.60 -9.26 -21.10
N CYS A 151 -5.05 -9.33 -22.35
CA CYS A 151 -4.50 -10.18 -23.41
C CYS A 151 -3.41 -9.51 -24.25
N PRO A 152 -2.50 -10.31 -24.85
CA PRO A 152 -1.44 -9.71 -25.68
C PRO A 152 -1.92 -9.13 -27.01
N ASP A 153 -2.71 -9.91 -27.77
CA ASP A 153 -3.17 -9.55 -29.09
C ASP A 153 -4.39 -8.61 -29.08
N PRO A 154 -4.63 -7.89 -30.19
CA PRO A 154 -5.81 -7.00 -30.24
C PRO A 154 -7.13 -7.77 -30.38
N ASN A 155 -7.09 -8.98 -30.96
CA ASN A 155 -8.28 -9.81 -31.16
C ASN A 155 -8.21 -11.17 -30.45
N PRO A 156 -8.33 -11.20 -29.12
CA PRO A 156 -8.34 -12.49 -28.41
C PRO A 156 -9.66 -13.24 -28.62
N PRO A 157 -9.65 -14.58 -28.52
CA PRO A 157 -10.91 -15.33 -28.67
C PRO A 157 -11.75 -15.22 -27.39
N ILE A 158 -12.45 -14.11 -27.24
CA ILE A 158 -13.18 -13.81 -26.02
C ILE A 158 -14.33 -14.77 -25.76
N HIS A 159 -15.08 -15.16 -26.79
CA HIS A 159 -16.19 -16.11 -26.62
C HIS A 159 -15.70 -17.51 -26.25
N LYS A 160 -14.48 -17.85 -26.66
CA LYS A 160 -13.82 -19.12 -26.38
C LYS A 160 -13.36 -19.14 -24.91
N ILE A 161 -12.84 -18.00 -24.41
CA ILE A 161 -12.34 -17.81 -23.05
C ILE A 161 -13.45 -17.92 -22.00
N VAL A 162 -14.55 -17.19 -22.21
CA VAL A 162 -15.67 -17.21 -21.27
C VAL A 162 -16.54 -18.48 -21.36
N ARG A 163 -16.11 -19.48 -22.16
CA ARG A 163 -16.84 -20.75 -22.33
C ARG A 163 -16.86 -21.54 -21.04
N LYS A 164 -15.75 -21.52 -20.29
CA LYS A 164 -15.67 -22.20 -19.01
C LYS A 164 -15.36 -21.13 -17.94
N PRO A 165 -16.39 -20.42 -17.42
CA PRO A 165 -16.12 -19.37 -16.42
C PRO A 165 -15.43 -19.86 -15.17
N SER A 166 -15.72 -21.09 -14.74
CA SER A 166 -15.09 -21.68 -13.56
C SER A 166 -13.60 -21.90 -13.73
N ARG A 167 -13.11 -21.98 -14.97
CA ARG A 167 -11.69 -22.12 -15.24
C ARG A 167 -10.98 -20.74 -15.30
N ILE A 168 -11.64 -19.65 -14.87
CA ILE A 168 -11.04 -18.31 -14.87
C ILE A 168 -10.83 -17.82 -13.44
N LEU A 169 -9.63 -17.29 -13.14
CA LEU A 169 -9.38 -16.69 -11.83
C LEU A 169 -9.10 -15.22 -12.08
N PHE A 170 -10.02 -14.35 -11.66
CA PHE A 170 -9.83 -12.92 -11.77
C PHE A 170 -9.06 -12.54 -10.55
N LEU A 171 -7.96 -11.84 -10.72
CA LEU A 171 -7.09 -11.46 -9.63
C LEU A 171 -7.04 -9.91 -9.55
N MET A 172 -7.76 -9.34 -8.59
CA MET A 172 -7.83 -7.89 -8.41
C MET A 172 -6.81 -7.44 -7.39
N ASP A 173 -5.70 -6.85 -7.85
CA ASP A 173 -4.68 -6.35 -6.94
C ASP A 173 -4.95 -4.92 -6.49
N GLY A 174 -5.01 -4.74 -5.18
CA GLY A 174 -5.23 -3.45 -4.55
C GLY A 174 -6.62 -2.89 -4.67
N PHE A 175 -7.63 -3.51 -4.03
CA PHE A 175 -9.00 -3.00 -4.05
C PHE A 175 -9.08 -1.57 -3.51
N ASP A 176 -8.40 -1.33 -2.38
CA ASP A 176 -8.34 -0.03 -1.72
C ASP A 176 -7.72 1.07 -2.60
N GLU A 177 -7.10 0.71 -3.73
CA GLU A 177 -6.49 1.67 -4.62
C GLU A 177 -7.38 2.03 -5.82
N LEU A 178 -8.69 1.72 -5.77
CA LEU A 178 -9.64 2.08 -6.81
C LEU A 178 -9.83 3.56 -6.66
N GLN A 179 -9.42 4.34 -7.66
CA GLN A 179 -9.50 5.79 -7.57
C GLN A 179 -10.93 6.30 -7.64
N GLY A 180 -11.25 7.16 -6.69
CA GLY A 180 -12.57 7.77 -6.56
C GLY A 180 -13.42 7.07 -5.53
N ALA A 181 -14.72 7.37 -5.54
CA ALA A 181 -15.64 6.77 -4.60
C ALA A 181 -16.17 5.43 -5.06
N PHE A 182 -16.20 4.47 -4.14
CA PHE A 182 -16.76 3.16 -4.43
C PHE A 182 -18.05 3.14 -3.67
N ASP A 183 -19.14 3.09 -4.41
CA ASP A 183 -20.46 3.12 -3.82
C ASP A 183 -21.05 1.74 -3.59
N GLU A 184 -21.59 1.55 -2.40
CA GLU A 184 -22.23 0.30 -1.98
C GLU A 184 -23.72 0.22 -2.38
N HIS A 185 -24.28 1.35 -2.86
CA HIS A 185 -25.67 1.53 -3.27
C HIS A 185 -25.88 1.51 -4.79
N ILE A 186 -24.83 1.29 -5.57
CA ILE A 186 -24.92 1.32 -7.02
C ILE A 186 -25.65 0.14 -7.60
N GLY A 187 -26.22 0.35 -8.77
CA GLY A 187 -26.91 -0.70 -9.49
C GLY A 187 -27.64 -0.17 -10.71
N PRO A 188 -28.44 -1.03 -11.38
CA PRO A 188 -28.66 -2.46 -11.10
C PRO A 188 -27.43 -3.31 -11.42
N LEU A 189 -27.26 -4.46 -10.75
CA LEU A 189 -26.13 -5.34 -11.04
C LEU A 189 -26.24 -5.98 -12.42
N CYS A 190 -25.10 -6.31 -13.02
CA CYS A 190 -25.00 -6.84 -14.36
C CYS A 190 -24.82 -8.35 -14.41
N THR A 191 -25.53 -9.02 -15.35
CA THR A 191 -25.41 -10.47 -15.55
C THR A 191 -25.03 -10.85 -16.99
N ASP A 192 -24.62 -9.87 -17.82
CA ASP A 192 -24.22 -10.10 -19.20
C ASP A 192 -22.77 -9.69 -19.34
N TRP A 193 -21.85 -10.63 -19.57
CA TRP A 193 -20.42 -10.30 -19.70
C TRP A 193 -20.12 -9.36 -20.90
N GLN A 194 -21.08 -9.18 -21.80
CA GLN A 194 -20.90 -8.33 -22.96
C GLN A 194 -21.50 -6.94 -22.83
N LYS A 195 -22.31 -6.68 -21.77
CA LYS A 195 -22.96 -5.40 -21.63
C LYS A 195 -22.00 -4.41 -21.00
N ALA A 196 -21.81 -3.25 -21.65
CA ALA A 196 -20.90 -2.25 -21.11
C ALA A 196 -21.54 -1.54 -19.95
N GLU A 197 -20.86 -1.55 -18.81
CA GLU A 197 -21.32 -0.92 -17.58
C GLU A 197 -20.25 0.02 -17.06
N ARG A 198 -20.66 0.97 -16.19
CA ARG A 198 -19.75 1.89 -15.52
C ARG A 198 -18.83 1.04 -14.62
N GLY A 199 -17.56 1.40 -14.52
CA GLY A 199 -16.58 0.65 -13.75
C GLY A 199 -17.02 0.15 -12.37
N ASP A 200 -17.74 0.99 -11.63
CA ASP A 200 -18.22 0.61 -10.30
C ASP A 200 -19.26 -0.52 -10.38
N ILE A 201 -20.25 -0.39 -11.29
CA ILE A 201 -21.27 -1.41 -11.53
C ILE A 201 -20.65 -2.69 -12.07
N LEU A 202 -19.62 -2.56 -12.90
CA LEU A 202 -18.93 -3.70 -13.46
C LEU A 202 -18.20 -4.51 -12.35
N LEU A 203 -17.33 -3.85 -11.55
CA LEU A 203 -16.59 -4.53 -10.49
C LEU A 203 -17.51 -5.02 -9.38
N SER A 204 -18.58 -4.28 -9.07
CA SER A 204 -19.55 -4.69 -8.05
C SER A 204 -20.27 -5.96 -8.46
N SER A 205 -20.65 -6.05 -9.73
CA SER A 205 -21.34 -7.24 -10.24
C SER A 205 -20.39 -8.42 -10.27
N LEU A 206 -19.10 -8.18 -10.62
CA LEU A 206 -18.08 -9.23 -10.65
C LEU A 206 -17.79 -9.73 -9.23
N ILE A 207 -17.63 -8.82 -8.27
CA ILE A 207 -17.35 -9.15 -6.88
C ILE A 207 -18.56 -9.83 -6.22
N ARG A 208 -19.78 -9.29 -6.42
CA ARG A 208 -20.98 -9.91 -5.88
C ARG A 208 -21.33 -11.25 -6.52
N LYS A 209 -20.54 -11.70 -7.53
CA LYS A 209 -20.65 -12.96 -8.24
C LYS A 209 -21.91 -13.04 -9.11
N LYS A 210 -22.31 -11.93 -9.72
CA LYS A 210 -23.46 -11.88 -10.63
C LYS A 210 -22.95 -12.13 -12.08
N LEU A 211 -21.81 -11.54 -12.41
CA LEU A 211 -21.15 -11.66 -13.69
C LEU A 211 -20.23 -12.84 -13.54
N LEU A 212 -20.42 -13.92 -14.35
CA LEU A 212 -19.65 -15.18 -14.32
C LEU A 212 -19.66 -15.72 -12.89
N PRO A 213 -20.84 -16.17 -12.40
CA PRO A 213 -20.96 -16.53 -10.97
C PRO A 213 -20.03 -17.62 -10.44
N GLU A 214 -19.57 -18.55 -11.30
CA GLU A 214 -18.65 -19.60 -10.83
C GLU A 214 -17.19 -19.34 -11.13
N ALA A 215 -16.84 -18.12 -11.52
CA ALA A 215 -15.46 -17.75 -11.76
C ALA A 215 -14.79 -17.45 -10.39
N SER A 216 -13.52 -17.83 -10.23
CA SER A 216 -12.81 -17.53 -8.99
C SER A 216 -12.33 -16.09 -8.95
N LEU A 217 -12.20 -15.54 -7.75
CA LEU A 217 -11.82 -14.16 -7.47
C LEU A 217 -10.75 -14.11 -6.38
N LEU A 218 -9.69 -13.34 -6.61
CA LEU A 218 -8.68 -13.13 -5.58
C LEU A 218 -8.51 -11.62 -5.40
N ILE A 219 -9.01 -11.08 -4.28
CA ILE A 219 -8.95 -9.64 -4.07
C ILE A 219 -7.89 -9.34 -3.05
N THR A 220 -6.92 -8.46 -3.36
CA THR A 220 -5.93 -8.06 -2.34
C THR A 220 -6.30 -6.65 -1.90
N THR A 221 -6.36 -6.39 -0.59
CA THR A 221 -6.73 -5.07 -0.09
C THR A 221 -6.05 -4.74 1.26
N ARG A 222 -5.98 -3.45 1.60
CA ARG A 222 -5.51 -3.01 2.90
C ARG A 222 -6.73 -3.24 3.80
N PRO A 223 -6.54 -3.60 5.08
CA PRO A 223 -7.69 -3.80 5.97
C PRO A 223 -8.66 -2.62 6.08
N VAL A 224 -8.21 -1.39 5.74
CA VAL A 224 -9.07 -0.21 5.79
C VAL A 224 -10.30 -0.39 4.92
N ALA A 225 -10.10 -0.91 3.69
CA ALA A 225 -11.20 -1.08 2.75
C ALA A 225 -12.07 -2.29 3.01
N LEU A 226 -11.67 -3.18 3.91
CA LEU A 226 -12.44 -4.37 4.28
C LEU A 226 -13.88 -4.05 4.68
N GLU A 227 -14.13 -2.79 5.13
CA GLU A 227 -15.48 -2.34 5.49
C GLU A 227 -16.34 -2.32 4.23
N LYS A 228 -15.84 -1.64 3.19
CA LYS A 228 -16.46 -1.45 1.90
C LYS A 228 -16.64 -2.81 1.21
N LEU A 229 -15.57 -3.60 1.17
CA LEU A 229 -15.55 -4.89 0.52
C LEU A 229 -16.45 -5.95 1.13
N GLN A 230 -16.47 -6.10 2.46
CA GLN A 230 -17.25 -7.16 3.10
C GLN A 230 -18.73 -7.16 2.71
N HIS A 231 -19.28 -6.00 2.33
CA HIS A 231 -20.69 -5.91 1.94
C HIS A 231 -20.95 -6.53 0.55
N LEU A 232 -19.93 -6.59 -0.32
CA LEU A 232 -20.07 -7.20 -1.64
C LEU A 232 -19.81 -8.68 -1.60
N LEU A 233 -18.80 -9.11 -0.84
CA LEU A 233 -18.32 -10.48 -0.72
C LEU A 233 -19.41 -11.53 -0.54
N ASP A 234 -19.24 -12.64 -1.26
CA ASP A 234 -20.15 -13.78 -1.29
C ASP A 234 -19.38 -14.99 -0.82
N HIS A 235 -19.58 -15.42 0.45
CA HIS A 235 -18.88 -16.57 1.06
C HIS A 235 -17.35 -16.51 0.86
N PRO A 236 -16.66 -15.48 1.37
CA PRO A 236 -15.23 -15.36 1.09
C PRO A 236 -14.30 -16.09 2.05
N ARG A 237 -13.16 -16.54 1.56
CA ARG A 237 -12.13 -17.13 2.39
C ARG A 237 -11.19 -15.97 2.70
N HIS A 238 -11.04 -15.59 3.97
CA HIS A 238 -10.17 -14.47 4.33
C HIS A 238 -8.78 -14.94 4.71
N VAL A 239 -7.77 -14.41 4.05
CA VAL A 239 -6.38 -14.74 4.30
C VAL A 239 -5.62 -13.45 4.67
N GLU A 240 -4.65 -13.54 5.56
CA GLU A 240 -3.90 -12.37 5.97
C GLU A 240 -2.41 -12.44 5.64
N ILE A 241 -1.87 -11.42 4.94
CA ILE A 241 -0.44 -11.33 4.66
C ILE A 241 0.27 -10.65 5.84
N LEU A 242 1.02 -11.42 6.61
CA LEU A 242 1.73 -10.91 7.78
C LEU A 242 3.15 -10.40 7.47
N GLY A 243 3.59 -10.49 6.23
CA GLY A 243 4.91 -10.04 5.84
C GLY A 243 6.01 -11.04 6.12
N PHE A 244 7.19 -10.52 6.46
CA PHE A 244 8.37 -11.33 6.69
C PHE A 244 8.50 -11.85 8.11
N SER A 245 8.89 -13.12 8.24
CA SER A 245 9.22 -13.73 9.52
C SER A 245 10.59 -13.16 9.94
N GLU A 246 11.06 -13.43 11.18
CA GLU A 246 12.41 -13.00 11.57
C GLU A 246 13.46 -13.73 10.71
N ALA A 247 13.20 -14.99 10.35
CA ALA A 247 14.06 -15.77 9.50
C ALA A 247 14.06 -15.19 8.07
N LYS A 248 12.86 -14.87 7.51
CA LYS A 248 12.74 -14.29 6.16
C LYS A 248 13.26 -12.84 6.07
N ARG A 249 13.40 -12.17 7.21
CA ARG A 249 13.96 -10.83 7.30
C ARG A 249 15.45 -10.95 6.97
N LYS A 250 16.15 -11.90 7.63
CA LYS A 250 17.58 -12.16 7.43
C LYS A 250 17.79 -12.59 5.99
N GLU A 251 16.96 -13.50 5.48
CA GLU A 251 17.00 -13.96 4.10
C GLU A 251 16.94 -12.79 3.11
N TYR A 252 16.01 -11.82 3.28
CA TYR A 252 15.93 -10.64 2.39
C TYR A 252 17.23 -9.87 2.39
N PHE A 253 17.80 -9.64 3.57
CA PHE A 253 19.04 -8.90 3.69
C PHE A 253 20.19 -9.61 2.98
N PHE A 254 20.23 -10.95 3.03
CA PHE A 254 21.28 -11.71 2.36
C PHE A 254 21.02 -11.87 0.85
N LYS A 255 19.77 -11.69 0.38
CA LYS A 255 19.41 -11.72 -1.04
C LYS A 255 19.68 -10.35 -1.66
N TYR A 256 19.36 -9.26 -0.93
CA TYR A 256 19.55 -7.90 -1.38
C TYR A 256 21.04 -7.65 -1.58
N PHE A 257 21.87 -7.96 -0.57
CA PHE A 257 23.31 -7.74 -0.69
C PHE A 257 24.04 -8.98 -1.27
N SER A 258 24.63 -8.82 -2.45
CA SER A 258 25.36 -9.91 -3.08
C SER A 258 26.74 -10.18 -2.46
N ASP A 259 27.16 -9.41 -1.43
CA ASP A 259 28.43 -9.61 -0.70
C ASP A 259 28.10 -9.95 0.76
N GLU A 260 28.47 -11.17 1.20
CA GLU A 260 28.26 -11.68 2.56
C GLU A 260 28.66 -10.75 3.68
N ALA A 261 29.76 -10.00 3.52
CA ALA A 261 30.22 -9.07 4.56
C ALA A 261 29.25 -7.91 4.69
N GLN A 262 28.73 -7.40 3.55
CA GLN A 262 27.77 -6.29 3.54
C GLN A 262 26.40 -6.72 4.07
N ALA A 263 25.93 -7.91 3.65
CA ALA A 263 24.63 -8.44 4.09
C ALA A 263 24.61 -8.71 5.59
N ARG A 264 25.72 -9.23 6.14
CA ARG A 264 25.83 -9.50 7.56
C ARG A 264 25.95 -8.20 8.38
N ALA A 265 26.58 -7.17 7.80
CA ALA A 265 26.72 -5.88 8.48
C ALA A 265 25.38 -5.13 8.54
N ALA A 266 24.58 -5.25 7.48
CA ALA A 266 23.30 -4.59 7.43
C ALA A 266 22.30 -5.28 8.34
N PHE A 267 22.32 -6.62 8.39
CA PHE A 267 21.41 -7.36 9.25
C PHE A 267 21.75 -7.13 10.72
N SER A 268 23.05 -7.07 11.04
CA SER A 268 23.48 -6.80 12.42
C SER A 268 23.01 -5.44 12.89
N LEU A 269 22.92 -4.46 11.98
CA LEU A 269 22.44 -3.13 12.32
C LEU A 269 20.98 -3.16 12.71
N ILE A 270 20.18 -3.97 12.02
CA ILE A 270 18.74 -4.10 12.26
C ILE A 270 18.49 -4.88 13.55
N GLN A 271 19.30 -5.92 13.81
CA GLN A 271 19.24 -6.74 15.01
C GLN A 271 19.47 -5.92 16.30
N GLU A 272 20.22 -4.81 16.18
CA GLU A 272 20.53 -3.88 17.25
C GLU A 272 19.45 -2.83 17.46
N ASN A 273 18.85 -2.34 16.37
CA ASN A 273 17.82 -1.31 16.47
C ASN A 273 16.51 -1.99 16.72
N GLU A 274 15.89 -1.78 17.88
CA GLU A 274 14.61 -2.41 18.19
C GLU A 274 13.53 -2.01 17.19
N VAL A 275 13.50 -0.71 16.82
CA VAL A 275 12.53 -0.18 15.86
C VAL A 275 12.71 -0.76 14.47
N LEU A 276 13.94 -0.74 13.94
CA LEU A 276 14.18 -1.25 12.60
C LEU A 276 14.02 -2.74 12.52
N PHE A 277 14.35 -3.48 13.58
CA PHE A 277 14.16 -4.93 13.59
C PHE A 277 12.65 -5.23 13.53
N THR A 278 11.85 -4.52 14.36
CA THR A 278 10.39 -4.66 14.45
C THR A 278 9.71 -4.24 13.16
N MET A 279 10.11 -3.09 12.60
CA MET A 279 9.54 -2.55 11.38
C MET A 279 9.84 -3.40 10.16
N CYS A 280 10.97 -4.14 10.16
CA CYS A 280 11.35 -4.92 9.00
C CYS A 280 10.47 -6.13 8.73
N PHE A 281 9.38 -6.33 9.49
CA PHE A 281 8.42 -7.36 9.14
C PHE A 281 7.72 -6.95 7.80
N ILE A 282 7.57 -5.62 7.56
CA ILE A 282 7.02 -5.07 6.33
C ILE A 282 8.11 -5.13 5.28
N PRO A 283 7.91 -5.91 4.20
CA PRO A 283 8.94 -6.00 3.15
C PRO A 283 9.30 -4.65 2.52
N LEU A 284 8.39 -3.66 2.53
CA LEU A 284 8.71 -2.34 2.01
C LEU A 284 9.78 -1.69 2.89
N VAL A 285 9.66 -1.81 4.23
CA VAL A 285 10.66 -1.29 5.17
C VAL A 285 11.99 -1.98 4.92
N CYS A 286 11.99 -3.30 4.63
CA CYS A 286 13.19 -4.06 4.30
C CYS A 286 13.90 -3.45 3.10
N TRP A 287 13.16 -3.11 2.05
CA TRP A 287 13.72 -2.50 0.85
C TRP A 287 14.24 -1.08 1.12
N ILE A 288 13.42 -0.23 1.75
CA ILE A 288 13.77 1.15 2.07
C ILE A 288 15.06 1.21 2.90
N VAL A 289 15.13 0.38 3.95
CA VAL A 289 16.30 0.29 4.81
C VAL A 289 17.53 -0.23 4.06
N CYS A 290 17.39 -1.31 3.29
CA CYS A 290 18.50 -1.87 2.50
C CYS A 290 19.03 -0.89 1.47
N THR A 291 18.14 -0.15 0.79
CA THR A 291 18.52 0.81 -0.24
C THR A 291 19.34 1.97 0.33
N GLY A 292 18.90 2.52 1.45
CA GLY A 292 19.61 3.62 2.11
C GLY A 292 20.91 3.20 2.76
N LEU A 293 21.00 1.93 3.18
CA LEU A 293 22.20 1.35 3.76
C LEU A 293 23.24 1.06 2.65
N LYS A 294 22.79 0.78 1.41
CA LYS A 294 23.65 0.53 0.25
C LYS A 294 24.34 1.85 -0.14
N GLN A 295 23.60 2.99 -0.09
CA GLN A 295 24.13 4.33 -0.37
C GLN A 295 25.17 4.76 0.67
N GLN A 296 24.93 4.37 1.93
CA GLN A 296 25.82 4.62 3.07
C GLN A 296 27.13 3.81 2.94
N MET A 297 27.06 2.63 2.28
CA MET A 297 28.20 1.76 2.01
C MET A 297 29.05 2.29 0.85
N GLU A 298 28.43 3.05 -0.09
CA GLU A 298 29.15 3.68 -1.21
C GLU A 298 30.10 4.76 -0.63
N SER A 299 29.60 5.56 0.34
CA SER A 299 30.39 6.58 1.02
C SER A 299 31.20 5.96 2.18
N GLY A 300 32.16 6.71 2.71
CA GLY A 300 32.98 6.25 3.82
C GLY A 300 32.36 6.51 5.19
N LYS A 301 31.09 6.11 5.36
CA LYS A 301 30.36 6.29 6.62
C LYS A 301 30.17 4.94 7.32
N SER A 302 30.52 4.85 8.62
CA SER A 302 30.36 3.64 9.42
C SER A 302 28.86 3.36 9.53
N LEU A 303 28.43 2.11 9.23
CA LEU A 303 27.01 1.75 9.30
C LEU A 303 26.30 2.16 10.58
N ALA A 304 25.24 2.99 10.43
CA ALA A 304 24.44 3.51 11.54
C ALA A 304 23.12 4.05 11.03
N GLN A 305 22.04 3.79 11.76
CA GLN A 305 20.72 4.33 11.45
C GLN A 305 19.98 4.49 12.76
N THR A 306 19.94 5.71 13.30
CA THR A 306 19.30 5.95 14.59
C THR A 306 17.81 6.28 14.47
N SER A 307 17.13 5.67 13.48
CA SER A 307 15.72 5.94 13.25
C SER A 307 14.80 5.28 14.25
N LYS A 308 13.78 6.03 14.71
CA LYS A 308 12.82 5.58 15.72
C LYS A 308 11.38 5.59 15.23
N THR A 309 11.06 6.34 14.16
CA THR A 309 9.69 6.45 13.67
C THR A 309 9.62 6.14 12.17
N THR A 310 8.42 5.94 11.60
CA THR A 310 8.27 5.72 10.16
C THR A 310 8.72 6.99 9.42
N THR A 311 8.41 8.20 9.97
CA THR A 311 8.84 9.50 9.41
C THR A 311 10.37 9.55 9.35
N ALA A 312 11.06 9.09 10.42
CA ALA A 312 12.53 9.02 10.50
C ALA A 312 13.11 8.09 9.44
N VAL A 313 12.44 6.99 9.15
CA VAL A 313 12.89 6.05 8.15
C VAL A 313 12.79 6.70 6.78
N TYR A 314 11.62 7.31 6.49
CA TYR A 314 11.37 7.94 5.19
C TYR A 314 12.26 9.14 4.94
N VAL A 315 12.51 9.94 5.98
CA VAL A 315 13.38 11.10 5.85
C VAL A 315 14.85 10.64 5.71
N PHE A 316 15.25 9.53 6.37
CA PHE A 316 16.62 9.02 6.21
C PHE A 316 16.81 8.51 4.76
N PHE A 317 15.80 7.80 4.22
CA PHE A 317 15.81 7.28 2.85
C PHE A 317 15.89 8.42 1.82
N LEU A 318 15.04 9.42 1.97
CA LEU A 318 14.98 10.59 1.09
C LEU A 318 16.22 11.48 1.24
N SER A 319 16.84 11.51 2.43
CA SER A 319 18.06 12.26 2.67
C SER A 319 19.25 11.61 1.95
N SER A 320 19.24 10.27 1.81
CA SER A 320 20.28 9.54 1.09
C SER A 320 20.30 9.93 -0.39
N LEU A 321 19.13 10.31 -0.96
CA LEU A 321 19.03 10.71 -2.37
C LEU A 321 19.50 12.15 -2.64
N LEU A 322 19.62 12.98 -1.59
CA LEU A 322 20.10 14.37 -1.71
C LEU A 322 21.63 14.34 -1.91
N GLN A 323 22.09 14.10 -3.14
CA GLN A 323 23.51 14.02 -3.49
C GLN A 323 24.16 15.40 -3.69
N GLY A 332 16.66 17.47 -9.74
CA GLY A 332 17.05 17.76 -8.36
C GLY A 332 15.93 17.54 -7.37
N LEU A 333 16.25 16.93 -6.21
CA LEU A 333 15.25 16.64 -5.18
C LEU A 333 14.89 17.85 -4.32
N CYS A 334 15.89 18.66 -3.89
CA CYS A 334 15.65 19.82 -3.04
C CYS A 334 15.16 21.07 -3.79
N ALA A 335 15.38 21.12 -5.11
CA ALA A 335 14.91 22.25 -5.91
C ALA A 335 13.43 22.04 -6.30
N HIS A 336 13.08 20.79 -6.65
CA HIS A 336 11.73 20.43 -7.07
C HIS A 336 10.92 19.82 -5.92
N LEU A 337 11.04 20.36 -4.71
CA LEU A 337 10.32 19.86 -3.55
C LEU A 337 8.87 20.31 -3.59
N TRP A 338 8.63 21.60 -3.89
CA TRP A 338 7.27 22.14 -3.98
C TRP A 338 6.48 21.45 -5.08
N GLY A 339 7.15 21.08 -6.18
CA GLY A 339 6.53 20.40 -7.29
C GLY A 339 6.18 18.97 -6.95
N LEU A 340 7.06 18.28 -6.22
CA LEU A 340 6.83 16.91 -5.79
C LEU A 340 5.63 16.85 -4.85
N CYS A 341 5.57 17.78 -3.89
CA CYS A 341 4.49 17.82 -2.90
C CYS A 341 3.18 18.26 -3.48
N SER A 342 3.20 19.17 -4.47
CA SER A 342 1.97 19.60 -5.11
C SER A 342 1.41 18.48 -6.01
N LEU A 343 2.29 17.67 -6.64
CA LEU A 343 1.89 16.55 -7.48
C LEU A 343 1.22 15.48 -6.63
N ALA A 344 1.82 15.19 -5.45
CA ALA A 344 1.33 14.19 -4.52
C ALA A 344 0.03 14.60 -3.87
N ALA A 345 -0.11 15.87 -3.47
CA ALA A 345 -1.34 16.34 -2.85
C ALA A 345 -2.49 16.35 -3.84
N ASP A 346 -2.22 16.69 -5.11
CA ASP A 346 -3.24 16.66 -6.15
C ASP A 346 -3.62 15.22 -6.48
N GLY A 347 -2.64 14.32 -6.50
CA GLY A 347 -2.88 12.91 -6.77
C GLY A 347 -3.69 12.23 -5.69
N ILE A 348 -3.68 12.78 -4.48
CA ILE A 348 -4.43 12.23 -3.37
C ILE A 348 -5.79 12.87 -3.27
N TRP A 349 -5.86 14.19 -3.45
CA TRP A 349 -7.12 14.90 -3.32
C TRP A 349 -8.02 14.78 -4.54
N ASN A 350 -7.44 14.59 -5.72
CA ASN A 350 -8.23 14.42 -6.94
C ASN A 350 -8.18 12.99 -7.51
N GLN A 351 -7.69 12.03 -6.69
CA GLN A 351 -7.58 10.60 -6.95
C GLN A 351 -6.92 10.22 -8.27
N LYS A 352 -5.60 10.43 -8.34
CA LYS A 352 -4.77 10.08 -9.48
C LYS A 352 -3.50 9.39 -8.95
N ILE A 353 -3.43 8.06 -9.06
CA ILE A 353 -2.24 7.32 -8.64
C ILE A 353 -1.21 7.39 -9.78
N LEU A 354 -1.66 7.24 -11.03
CA LEU A 354 -0.83 7.24 -12.23
C LEU A 354 -0.90 8.58 -12.97
N PHE A 355 0.28 9.20 -13.20
CA PHE A 355 0.42 10.51 -13.83
C PHE A 355 1.08 10.43 -15.21
N GLU A 356 0.49 11.09 -16.21
CA GLU A 356 1.06 11.18 -17.55
C GLU A 356 2.24 12.20 -17.56
N GLU A 357 2.97 12.30 -18.69
CA GLU A 357 4.08 13.25 -18.79
C GLU A 357 3.58 14.69 -18.64
N SER A 358 2.39 14.98 -19.18
CA SER A 358 1.72 16.27 -19.14
C SER A 358 1.38 16.72 -17.71
N ASP A 359 1.01 15.77 -16.83
CA ASP A 359 0.65 16.06 -15.44
C ASP A 359 1.85 16.55 -14.65
N LEU A 360 2.97 15.80 -14.70
CA LEU A 360 4.17 16.21 -13.98
C LEU A 360 4.83 17.44 -14.61
N ARG A 361 4.63 17.66 -15.91
CA ARG A 361 5.16 18.87 -16.56
C ARG A 361 4.39 20.09 -16.01
N ASN A 362 3.07 19.95 -15.74
CA ASN A 362 2.19 20.98 -15.19
C ASN A 362 2.60 21.34 -13.76
N HIS A 363 3.03 20.34 -12.97
CA HIS A 363 3.48 20.56 -11.59
C HIS A 363 4.92 21.11 -11.48
N GLY A 364 5.63 21.21 -12.60
CA GLY A 364 6.99 21.75 -12.63
C GLY A 364 8.11 20.78 -12.98
N LEU A 365 7.86 19.48 -12.86
CA LEU A 365 8.87 18.44 -13.15
C LEU A 365 9.13 18.24 -14.65
N GLN A 366 10.23 18.79 -15.17
CA GLN A 366 10.59 18.65 -16.58
C GLN A 366 11.20 17.25 -16.92
N LYS A 367 11.61 17.02 -18.18
CA LYS A 367 12.20 15.76 -18.65
C LYS A 367 13.43 15.31 -17.87
N ALA A 368 14.31 16.26 -17.49
CA ALA A 368 15.52 15.95 -16.72
C ALA A 368 15.20 15.55 -15.28
N ASP A 369 14.18 16.19 -14.70
CA ASP A 369 13.76 15.95 -13.32
C ASP A 369 13.12 14.59 -13.16
N VAL A 370 12.20 14.21 -14.07
CA VAL A 370 11.57 12.89 -14.00
C VAL A 370 12.60 11.78 -14.27
N SER A 371 13.58 12.03 -15.16
CA SER A 371 14.64 11.06 -15.47
C SER A 371 15.66 10.90 -14.32
N ALA A 372 15.74 11.89 -13.42
CA ALA A 372 16.61 11.83 -12.26
C ALA A 372 15.88 11.13 -11.11
N PHE A 373 14.59 11.47 -10.91
CA PHE A 373 13.76 10.84 -9.88
C PHE A 373 13.56 9.35 -10.16
N LEU A 374 13.51 8.96 -11.44
CA LEU A 374 13.37 7.55 -11.83
C LEU A 374 14.63 6.77 -11.47
N ARG A 375 15.81 7.40 -11.66
CA ARG A 375 17.12 6.81 -11.35
C ARG A 375 17.29 6.70 -9.83
N MET A 376 16.83 7.74 -9.08
CA MET A 376 16.86 7.77 -7.61
C MET A 376 15.96 6.72 -6.97
N ASN A 377 15.09 6.07 -7.76
CA ASN A 377 14.10 5.07 -7.37
C ASN A 377 13.02 5.69 -6.49
N LEU A 378 12.59 6.91 -6.85
CA LEU A 378 11.52 7.68 -6.20
C LEU A 378 10.24 7.55 -7.05
N PHE A 379 10.40 7.57 -8.38
CA PHE A 379 9.33 7.41 -9.36
C PHE A 379 9.50 6.08 -10.09
N GLN A 380 8.43 5.61 -10.74
CA GLN A 380 8.46 4.37 -11.49
C GLN A 380 7.60 4.44 -12.75
N LYS A 381 8.00 3.69 -13.78
CA LYS A 381 7.23 3.63 -15.02
C LYS A 381 6.19 2.52 -14.80
N GLU A 382 4.91 2.83 -15.04
CA GLU A 382 3.84 1.87 -14.79
C GLU A 382 2.75 1.87 -15.91
N VAL A 383 1.60 1.18 -15.67
CA VAL A 383 0.45 1.01 -16.57
C VAL A 383 0.88 0.27 -17.85
N ASP A 384 1.42 -0.95 -17.65
CA ASP A 384 1.94 -1.82 -18.70
C ASP A 384 3.01 -1.04 -19.54
N CYS A 385 3.00 -1.13 -20.88
CA CYS A 385 3.98 -0.40 -21.71
C CYS A 385 3.58 1.07 -21.97
N GLU A 386 2.44 1.55 -21.40
CA GLU A 386 1.99 2.93 -21.58
C GLU A 386 2.84 3.90 -20.75
N LYS A 387 3.02 5.14 -21.26
CA LYS A 387 3.84 6.19 -20.61
C LYS A 387 3.20 6.82 -19.36
N PHE A 388 3.04 6.02 -18.31
CA PHE A 388 2.50 6.47 -17.04
C PHE A 388 3.58 6.46 -15.97
N TYR A 389 3.44 7.33 -14.99
CA TYR A 389 4.40 7.45 -13.90
C TYR A 389 3.70 7.42 -12.54
N SER A 390 4.43 7.09 -11.49
CA SER A 390 3.88 7.05 -10.13
C SER A 390 5.00 6.98 -9.09
N PHE A 391 4.72 7.34 -7.82
CA PHE A 391 5.74 7.21 -6.77
C PHE A 391 5.98 5.72 -6.52
N ILE A 392 7.20 5.32 -6.11
CA ILE A 392 7.53 3.89 -5.87
C ILE A 392 6.49 3.16 -5.03
N HIS A 393 5.90 3.85 -4.07
CA HIS A 393 4.84 3.29 -3.26
C HIS A 393 3.82 4.34 -2.90
N MET A 394 2.61 3.88 -2.59
CA MET A 394 1.51 4.74 -2.20
C MET A 394 1.88 5.54 -0.91
N THR A 395 2.69 4.93 -0.01
CA THR A 395 3.18 5.57 1.20
C THR A 395 4.08 6.77 0.87
N PHE A 396 4.83 6.72 -0.23
CA PHE A 396 5.68 7.83 -0.66
C PHE A 396 4.84 8.99 -1.21
N GLN A 397 3.70 8.69 -1.86
CA GLN A 397 2.77 9.70 -2.34
C GLN A 397 2.12 10.38 -1.12
N GLU A 398 1.78 9.60 -0.07
CA GLU A 398 1.22 10.12 1.16
C GLU A 398 2.26 10.88 2.00
N PHE A 399 3.56 10.57 1.84
CA PHE A 399 4.63 11.30 2.53
C PHE A 399 4.80 12.69 1.92
N PHE A 400 4.72 12.79 0.60
CA PHE A 400 4.82 14.07 -0.07
C PHE A 400 3.51 14.86 0.01
N ALA A 401 2.36 14.19 0.19
CA ALA A 401 1.08 14.90 0.38
C ALA A 401 1.07 15.54 1.77
N ALA A 402 1.61 14.84 2.79
CA ALA A 402 1.73 15.34 4.15
C ALA A 402 2.70 16.52 4.19
N MET A 403 3.77 16.46 3.40
CA MET A 403 4.77 17.53 3.32
C MET A 403 4.25 18.77 2.62
N TYR A 404 3.27 18.62 1.74
CA TYR A 404 2.67 19.75 1.05
C TYR A 404 2.02 20.72 2.04
N TYR A 405 1.43 20.20 3.12
CA TYR A 405 0.78 21.01 4.13
C TYR A 405 1.75 21.80 5.02
N LEU A 406 3.02 21.38 5.10
CA LEU A 406 4.01 22.01 5.96
C LEU A 406 5.08 22.81 5.23
N LEU A 407 5.06 22.84 3.89
CA LEU A 407 6.09 23.53 3.10
C LEU A 407 6.16 25.05 3.29
N GLU A 408 7.39 25.59 3.36
CA GLU A 408 7.64 27.02 3.51
C GLU A 408 7.27 27.71 2.20
N GLU A 409 6.28 28.62 2.23
CA GLU A 409 5.82 29.31 1.03
C GLU A 409 6.78 30.41 0.52
N PRO A 425 -3.62 22.54 -4.46
CA PRO A 425 -4.63 21.97 -3.55
C PRO A 425 -4.77 22.75 -2.25
N SER A 426 -5.90 22.58 -1.55
CA SER A 426 -6.15 23.31 -0.31
C SER A 426 -5.28 22.86 0.85
N ARG A 427 -4.43 23.77 1.36
CA ARG A 427 -3.52 23.52 2.50
C ARG A 427 -4.22 23.61 3.87
N ASP A 428 -5.57 23.63 3.89
CA ASP A 428 -6.32 23.69 5.14
C ASP A 428 -6.32 22.30 5.75
N VAL A 429 -5.62 22.10 6.87
CA VAL A 429 -5.58 20.78 7.51
C VAL A 429 -6.96 20.38 8.09
N THR A 430 -7.87 21.35 8.29
CA THR A 430 -9.20 21.10 8.80
C THR A 430 -10.01 20.28 7.80
N VAL A 431 -9.94 20.65 6.51
CA VAL A 431 -10.68 19.91 5.48
C VAL A 431 -10.01 18.57 5.12
N LEU A 432 -8.70 18.44 5.40
CA LEU A 432 -7.99 17.19 5.19
C LEU A 432 -8.48 16.22 6.25
N LEU A 433 -8.52 16.65 7.53
CA LEU A 433 -9.01 15.82 8.63
C LEU A 433 -10.50 15.48 8.49
N GLU A 434 -11.27 16.33 7.81
CA GLU A 434 -12.68 16.05 7.58
C GLU A 434 -12.85 14.84 6.63
N ASN A 435 -11.89 14.62 5.69
CA ASN A 435 -11.95 13.50 4.76
C ASN A 435 -11.16 12.26 5.20
N TYR A 436 -10.70 12.23 6.44
CA TYR A 436 -9.94 11.11 6.98
C TYR A 436 -10.84 9.88 7.13
N GLY A 437 -10.30 8.72 6.83
CA GLY A 437 -11.01 7.46 6.97
C GLY A 437 -12.09 7.20 5.95
N LYS A 438 -12.10 7.97 4.86
CA LYS A 438 -13.08 7.81 3.81
C LYS A 438 -12.40 7.18 2.61
N PHE A 439 -13.07 6.21 1.97
CA PHE A 439 -12.51 5.52 0.81
C PHE A 439 -12.22 6.48 -0.33
N GLU A 440 -13.16 7.41 -0.61
CA GLU A 440 -13.06 8.31 -1.75
C GLU A 440 -11.79 9.17 -1.74
N LYS A 441 -11.06 9.28 -0.62
CA LYS A 441 -9.80 10.03 -0.61
C LYS A 441 -8.55 9.15 -0.30
N GLY A 442 -8.73 7.84 -0.21
CA GLY A 442 -7.64 6.91 0.09
C GLY A 442 -7.43 6.64 1.56
N TYR A 443 -8.36 7.13 2.42
CA TYR A 443 -8.35 6.98 3.87
C TYR A 443 -7.41 7.96 4.59
N LEU A 444 -6.39 8.50 3.89
CA LEU A 444 -5.44 9.48 4.45
C LEU A 444 -4.69 8.98 5.69
N ILE A 445 -4.36 7.68 5.73
CA ILE A 445 -3.69 7.07 6.88
C ILE A 445 -2.26 7.60 7.05
N PHE A 446 -1.41 7.45 6.03
CA PHE A 446 -0.04 7.93 6.12
C PHE A 446 0.05 9.44 5.95
N VAL A 447 -0.96 10.11 5.35
CA VAL A 447 -0.95 11.58 5.23
C VAL A 447 -1.00 12.15 6.66
N VAL A 448 -1.93 11.64 7.46
CA VAL A 448 -2.06 12.08 8.84
C VAL A 448 -0.90 11.58 9.69
N ARG A 449 -0.50 10.29 9.56
CA ARG A 449 0.64 9.78 10.34
C ARG A 449 1.92 10.56 10.07
N PHE A 450 2.23 10.86 8.80
CA PHE A 450 3.43 11.61 8.44
C PHE A 450 3.34 13.07 8.87
N LEU A 451 2.13 13.63 9.01
CA LEU A 451 1.96 15.00 9.53
C LEU A 451 2.33 15.03 11.00
N PHE A 452 1.99 14.00 11.77
CA PHE A 452 2.36 13.95 13.20
C PHE A 452 3.87 13.93 13.34
N GLY A 453 4.52 13.09 12.55
CA GLY A 453 5.97 12.97 12.55
C GLY A 453 6.70 14.22 12.10
N LEU A 454 6.31 14.79 10.95
CA LEU A 454 6.95 15.98 10.39
C LEU A 454 6.66 17.26 11.19
N VAL A 455 5.55 17.30 11.94
CA VAL A 455 5.20 18.46 12.77
C VAL A 455 6.21 18.63 13.94
N ASN A 456 6.84 17.51 14.38
CA ASN A 456 7.82 17.45 15.44
C ASN A 456 8.92 18.48 15.26
N GLN A 457 8.93 19.51 16.13
CA GLN A 457 9.93 20.57 16.07
C GLN A 457 11.26 20.17 16.72
N GLU A 458 11.23 19.22 17.68
CA GLU A 458 12.47 18.72 18.26
C GLU A 458 12.98 17.54 17.39
N ARG A 459 12.95 17.73 16.06
CA ARG A 459 13.35 16.76 15.07
C ARG A 459 13.56 17.50 13.76
N THR A 460 14.83 17.63 13.32
CA THR A 460 15.13 18.32 12.07
C THR A 460 16.19 17.61 11.24
N SER A 461 16.26 17.95 9.95
CA SER A 461 17.21 17.49 8.94
C SER A 461 17.34 18.59 7.84
N TYR A 462 18.12 18.36 6.77
CA TYR A 462 18.23 19.35 5.69
C TYR A 462 16.89 19.40 4.93
N LEU A 463 16.25 18.24 4.74
CA LEU A 463 14.94 18.10 4.08
C LEU A 463 13.85 18.76 4.96
N GLU A 464 13.93 18.60 6.29
CA GLU A 464 12.97 19.22 7.21
C GLU A 464 13.23 20.71 7.46
N LYS A 465 14.45 21.21 7.17
CA LYS A 465 14.75 22.63 7.32
C LYS A 465 14.01 23.49 6.29
N LYS A 466 13.61 22.89 5.15
CA LYS A 466 12.84 23.58 4.11
C LYS A 466 11.33 23.63 4.44
N LEU A 467 10.93 23.25 5.67
CA LEU A 467 9.53 23.25 6.11
C LEU A 467 9.27 24.46 7.01
N SER A 468 8.08 25.03 6.89
CA SER A 468 7.67 26.21 7.65
C SER A 468 7.29 25.88 9.09
N CYS A 469 8.14 26.26 10.06
CA CYS A 469 7.83 26.04 11.47
C CYS A 469 6.68 26.94 12.00
N LYS A 470 6.29 27.95 11.21
CA LYS A 470 5.20 28.87 11.52
C LYS A 470 3.87 28.12 11.34
N ILE A 471 3.72 27.37 10.23
CA ILE A 471 2.50 26.63 9.99
C ILE A 471 2.51 25.28 10.69
N SER A 472 3.69 24.67 10.94
CA SER A 472 3.75 23.40 11.65
C SER A 472 3.31 23.53 13.12
N GLN A 473 3.37 24.74 13.69
CA GLN A 473 2.89 24.97 15.05
C GLN A 473 1.36 25.15 15.07
N GLN A 474 0.78 25.65 13.97
CA GLN A 474 -0.66 25.78 13.84
C GLN A 474 -1.25 24.39 13.56
N ILE A 475 -0.57 23.59 12.71
CA ILE A 475 -0.99 22.22 12.40
C ILE A 475 -0.89 21.34 13.65
N ARG A 476 0.14 21.57 14.49
CA ARG A 476 0.34 20.84 15.74
C ARG A 476 -0.85 21.04 16.66
N LEU A 477 -1.39 22.27 16.73
CA LEU A 477 -2.54 22.53 17.59
C LEU A 477 -3.85 21.98 17.00
N GLU A 478 -3.96 21.94 15.66
CA GLU A 478 -5.15 21.38 15.02
C GLU A 478 -5.17 19.84 15.13
N LEU A 479 -3.98 19.21 15.19
CA LEU A 479 -3.82 17.76 15.38
C LEU A 479 -4.19 17.38 16.81
N LEU A 480 -3.87 18.23 17.78
CA LEU A 480 -4.18 17.95 19.17
C LEU A 480 -5.68 18.08 19.45
N LYS A 481 -6.37 19.02 18.75
CA LYS A 481 -7.82 19.16 18.88
C LYS A 481 -8.51 17.91 18.30
N TRP A 482 -7.96 17.37 17.18
CA TRP A 482 -8.42 16.17 16.49
C TRP A 482 -8.36 14.93 17.41
N ILE A 483 -7.21 14.64 18.06
CA ILE A 483 -7.04 13.53 19.00
C ILE A 483 -8.09 13.64 20.11
N GLU A 484 -8.31 14.86 20.62
CA GLU A 484 -9.26 15.16 21.69
C GLU A 484 -10.68 14.77 21.28
N VAL A 485 -11.06 15.08 20.04
CA VAL A 485 -12.39 14.77 19.50
C VAL A 485 -12.54 13.28 19.27
N LYS A 486 -11.51 12.66 18.68
CA LYS A 486 -11.52 11.24 18.32
C LYS A 486 -11.42 10.28 19.50
N ALA A 487 -10.70 10.66 20.56
CA ALA A 487 -10.56 9.78 21.73
C ALA A 487 -11.81 9.86 22.59
N LYS A 488 -12.31 11.08 22.82
CA LYS A 488 -13.50 11.32 23.63
C LYS A 488 -14.73 10.66 22.99
N ALA A 489 -15.11 11.07 21.76
CA ALA A 489 -16.27 10.49 21.09
C ALA A 489 -15.95 9.14 20.49
N LYS A 490 -15.98 8.08 21.31
CA LYS A 490 -15.72 6.72 20.81
C LYS A 490 -16.96 6.08 20.10
N LYS A 491 -18.06 6.85 19.96
CA LYS A 491 -19.29 6.42 19.30
C LYS A 491 -19.19 6.33 17.75
N LEU A 492 -18.03 6.65 17.16
CA LEU A 492 -17.85 6.61 15.72
C LEU A 492 -17.51 5.19 15.21
N GLN A 493 -18.03 4.84 14.02
CA GLN A 493 -17.82 3.52 13.42
C GLN A 493 -16.57 3.49 12.53
N ILE A 494 -15.38 3.53 13.16
CA ILE A 494 -14.06 3.47 12.50
C ILE A 494 -13.76 4.62 11.54
N GLN A 495 -12.66 5.31 11.84
CA GLN A 495 -11.95 6.38 11.13
C GLN A 495 -10.56 6.21 11.80
N PRO A 496 -10.10 6.97 12.84
CA PRO A 496 -8.86 6.58 13.52
C PRO A 496 -9.18 5.72 14.75
N SER A 497 -8.87 4.41 14.73
CA SER A 497 -9.10 3.57 15.92
C SER A 497 -8.20 4.06 17.07
N GLN A 498 -8.36 3.51 18.29
CA GLN A 498 -7.52 3.91 19.41
C GLN A 498 -6.07 3.51 19.16
N LEU A 499 -5.86 2.29 18.61
CA LEU A 499 -4.54 1.79 18.24
C LEU A 499 -3.95 2.60 17.11
N GLU A 500 -4.76 3.05 16.15
CA GLU A 500 -4.28 3.89 15.05
C GLU A 500 -3.84 5.24 15.61
N LEU A 501 -4.58 5.81 16.56
CA LEU A 501 -4.18 7.06 17.20
C LEU A 501 -2.82 6.92 17.89
N PHE A 502 -2.51 5.70 18.40
CA PHE A 502 -1.23 5.38 19.02
C PHE A 502 -0.11 5.40 17.99
N TYR A 503 -0.39 4.97 16.74
CA TYR A 503 0.59 5.02 15.65
C TYR A 503 0.87 6.49 15.31
N CYS A 504 -0.16 7.37 15.38
CA CYS A 504 -0.04 8.79 15.13
C CYS A 504 0.79 9.42 16.23
N LEU A 505 0.48 9.14 17.51
CA LEU A 505 1.26 9.70 18.62
C LEU A 505 2.71 9.17 18.63
N TYR A 506 2.93 7.93 18.15
CA TYR A 506 4.26 7.36 18.06
C TYR A 506 5.09 8.16 17.06
N GLU A 507 4.49 8.57 15.93
CA GLU A 507 5.17 9.40 14.94
C GLU A 507 5.55 10.73 15.53
N MET A 508 4.66 11.31 16.36
CA MET A 508 4.88 12.58 17.05
C MET A 508 6.14 12.47 17.93
N GLN A 509 6.20 11.45 18.82
CA GLN A 509 7.37 11.13 19.64
C GLN A 509 7.70 12.19 20.74
N GLU A 510 7.37 13.48 20.54
CA GLU A 510 7.61 14.54 21.52
C GLU A 510 6.64 14.35 22.70
N GLU A 511 7.18 14.27 23.93
CA GLU A 511 6.36 13.97 25.09
C GLU A 511 5.38 15.07 25.53
N ASP A 512 5.62 16.38 25.22
CA ASP A 512 4.64 17.40 25.63
C ASP A 512 3.31 17.15 24.94
N PHE A 513 3.38 16.81 23.65
CA PHE A 513 2.24 16.49 22.81
C PHE A 513 1.66 15.13 23.22
N VAL A 514 2.48 14.08 23.25
CA VAL A 514 2.04 12.73 23.59
C VAL A 514 1.36 12.67 24.96
N GLN A 515 1.96 13.28 25.99
CA GLN A 515 1.36 13.29 27.32
C GLN A 515 0.07 14.09 27.38
N ARG A 516 -0.01 15.23 26.67
CA ARG A 516 -1.22 16.04 26.63
C ARG A 516 -2.35 15.29 25.94
N ALA A 517 -2.03 14.58 24.84
CA ALA A 517 -2.98 13.81 24.04
C ALA A 517 -3.42 12.54 24.75
N MET A 518 -2.51 11.85 25.44
CA MET A 518 -2.85 10.61 26.15
C MET A 518 -3.86 10.83 27.27
N ASP A 519 -3.91 12.05 27.83
CA ASP A 519 -4.88 12.36 28.88
C ASP A 519 -6.31 12.37 28.38
N TYR A 520 -6.53 12.64 27.07
CA TYR A 520 -7.85 12.66 26.43
C TYR A 520 -8.49 11.27 26.34
N PHE A 521 -7.69 10.21 26.42
CA PHE A 521 -8.19 8.84 26.36
C PHE A 521 -8.72 8.46 27.73
N PRO A 522 -10.03 8.19 27.84
CA PRO A 522 -10.59 7.85 29.16
C PRO A 522 -10.12 6.48 29.67
N LYS A 523 -10.15 5.46 28.78
CA LYS A 523 -9.70 4.12 29.11
C LYS A 523 -9.03 3.52 27.90
N ILE A 524 -7.91 2.81 28.11
CA ILE A 524 -7.19 2.18 27.02
C ILE A 524 -7.91 0.91 26.53
N GLU A 525 -8.48 0.99 25.32
CA GLU A 525 -9.23 -0.09 24.69
C GLU A 525 -8.59 -0.44 23.34
N ILE A 526 -7.61 -1.34 23.33
CA ILE A 526 -6.90 -1.70 22.08
C ILE A 526 -6.84 -3.21 21.84
N ASN A 527 -6.62 -3.59 20.58
CA ASN A 527 -6.46 -4.98 20.21
C ASN A 527 -5.11 -5.10 19.52
N LEU A 528 -4.14 -5.69 20.21
CA LEU A 528 -2.81 -5.84 19.64
C LEU A 528 -2.73 -7.12 18.82
N SER A 529 -2.01 -7.07 17.70
CA SER A 529 -1.88 -8.25 16.85
C SER A 529 -0.43 -8.50 16.49
N THR A 530 0.34 -7.44 16.29
CA THR A 530 1.73 -7.55 15.87
C THR A 530 2.70 -6.98 16.91
N ARG A 531 4.00 -7.29 16.79
CA ARG A 531 5.03 -6.70 17.64
C ARG A 531 5.14 -5.17 17.38
N MET A 532 4.65 -4.68 16.21
CA MET A 532 4.61 -3.28 15.88
C MET A 532 3.54 -2.62 16.76
N ASP A 533 2.35 -3.26 16.86
CA ASP A 533 1.24 -2.83 17.70
C ASP A 533 1.69 -2.74 19.15
N HIS A 534 2.50 -3.70 19.61
CA HIS A 534 3.01 -3.69 20.96
C HIS A 534 3.95 -2.52 21.14
N MET A 535 4.96 -2.38 20.26
CA MET A 535 5.95 -1.31 20.34
C MET A 535 5.34 0.09 20.44
N VAL A 536 4.43 0.40 19.54
CA VAL A 536 3.72 1.67 19.41
C VAL A 536 2.85 1.94 20.64
N SER A 537 2.00 0.98 21.02
CA SER A 537 1.08 1.16 22.14
C SER A 537 1.79 1.20 23.49
N SER A 538 2.91 0.49 23.61
CA SER A 538 3.74 0.49 24.80
C SER A 538 4.31 1.89 25.01
N PHE A 539 4.73 2.56 23.93
CA PHE A 539 5.28 3.90 23.99
C PHE A 539 4.21 4.87 24.48
N CYS A 540 3.01 4.80 23.89
CA CYS A 540 1.94 5.71 24.25
C CYS A 540 1.50 5.57 25.68
N ILE A 541 1.39 4.33 26.18
CA ILE A 541 0.99 4.09 27.55
C ILE A 541 2.08 4.53 28.54
N GLU A 542 3.36 4.44 28.16
CA GLU A 542 4.46 4.93 29.01
C GLU A 542 4.28 6.43 29.30
N ASN A 543 3.84 7.21 28.30
CA ASN A 543 3.64 8.66 28.43
C ASN A 543 2.19 8.99 28.79
N CYS A 544 1.54 8.10 29.54
CA CYS A 544 0.16 8.29 29.94
C CYS A 544 0.08 8.24 31.43
N HIS A 545 0.52 9.32 32.08
CA HIS A 545 0.49 9.37 33.53
C HIS A 545 -0.43 10.47 34.03
N ARG A 546 -1.35 10.10 34.94
CA ARG A 546 -2.32 11.05 35.51
C ARG A 546 -1.64 12.25 36.18
N VAL A 547 -2.38 13.37 36.26
CA VAL A 547 -1.86 14.61 36.84
C VAL A 547 -1.54 14.42 38.34
N GLU A 548 -2.47 13.78 39.07
CA GLU A 548 -2.29 13.52 40.49
C GLU A 548 -1.40 12.32 40.79
N SER A 549 -1.36 11.33 39.85
CA SER A 549 -0.61 10.06 39.94
C SER A 549 0.68 10.08 40.81
N LEU A 550 0.84 9.02 41.62
CA LEU A 550 1.95 8.77 42.57
C LEU A 550 1.81 9.56 43.86
C1 A1IPJ B . 1.89 -0.33 9.37
C2 A1IPJ B . 2.97 0.20 8.53
C3 A1IPJ B . 4.04 0.88 9.10
C12 A1IPJ B . -0.25 -1.08 10.93
C13 A1IPJ B . 0.74 -2.01 10.61
C14 A1IPJ B . 1.82 -1.64 9.83
C16 A1IPJ B . -2.27 -0.24 12.07
C17 A1IPJ B . -3.24 0.10 10.91
C19 A1IPJ B . -5.01 0.71 12.42
C20 A1IPJ B . -4.13 0.39 13.64
C21 A1IPJ B . -3.11 -0.71 13.27
C22 A1IPJ B . -4.90 1.73 10.14
C23 A1IPJ B . -5.88 0.69 9.56
C24 A1IPJ B . 6.06 1.80 6.01
C4 A1IPJ B . 5.05 1.39 8.27
C5 A1IPJ B . 4.97 1.23 6.89
C6 A1IPJ B . 3.88 0.56 6.34
C7 A1IPJ B . 2.88 0.06 7.16
O8 A1IPJ B . 1.79 -0.62 6.62
C9 A1IPJ B . 4.16 1.08 10.61
N10 A1IPJ B . 0.91 0.52 9.69
N11 A1IPJ B . -0.12 0.16 10.44
N15 A1IPJ B . -1.36 -1.30 11.67
N18 A1IPJ B . -4.17 1.17 11.30
F25 A1IPJ B . 6.20 1.11 4.87
F26 A1IPJ B . 5.75 3.08 5.72
F27 A1IPJ B . 7.24 1.79 6.68
PB ADP C . 1.50 -3.53 -1.13
O1B ADP C . 0.90 -3.89 -2.47
O2B ADP C . 1.05 -4.44 -0.01
O3B ADP C . 1.33 -2.07 -0.79
PA ADP C . 4.03 -4.19 -2.59
O1A ADP C . 3.83 -5.61 -2.95
O2A ADP C . 3.85 -3.15 -3.63
O3A ADP C . 3.09 -3.83 -1.35
O5' ADP C . 5.49 -4.11 -1.93
C5' ADP C . 6.32 -2.93 -2.04
C4' ADP C . 7.79 -3.32 -2.03
O4' ADP C . 8.00 -4.34 -1.05
C3' ADP C . 8.32 -3.90 -3.35
O3' ADP C . 8.82 -2.88 -4.19
C2' ADP C . 9.45 -4.84 -2.88
O2' ADP C . 10.76 -4.29 -2.82
C1' ADP C . 9.01 -5.25 -1.48
N9 ADP C . 8.44 -6.59 -1.42
C8 ADP C . 7.15 -6.90 -1.06
N7 ADP C . 6.94 -8.18 -0.94
C5 ADP C . 8.15 -8.76 -1.24
C6 ADP C . 8.60 -10.10 -1.23
N6 ADP C . 7.82 -11.13 -0.91
N1 ADP C . 9.90 -10.33 -1.53
C2 ADP C . 10.69 -9.29 -1.81
N3 ADP C . 10.39 -7.98 -1.84
C4 ADP C . 9.09 -7.79 -1.54
#